data_2HXM
#
_entry.id   2HXM
#
_cell.length_a   43.209
_cell.length_b   69.030
_cell.length_c   70.318
_cell.angle_alpha   90.00
_cell.angle_beta   90.00
_cell.angle_gamma   90.00
#
_symmetry.space_group_name_H-M   'P 21 21 21'
#
loop_
_entity.id
_entity.type
_entity.pdbx_description
1 polymer 'Uracil-DNA glycosylase'
2 non-polymer '4-[(1E,7E)-8-(2,6-DIOXO-1,2,3,6-TETRAHYDROPYRIMIDIN-4-YL)-3,6-DIOXA-2,7-DIAZAOCTA-1,7-DIEN-1-YL]BENZOIC ACID'
3 water water
#
_entity_poly.entity_id   1
_entity_poly.type   'polypeptide(L)'
_entity_poly.pdbx_seq_one_letter_code
;MEFFGESWKKHLSGEFGKPYFIKLMGFVAEERKHYTVYPPPHQVFTWTQMCDIKDVKVVILGQDPYHGPNQAHGLCFSVQ
RPVPPPPSLENIYKELSTDIEDFVHPGHGDLSGWAKQGVLLLNAVLTVRAHQANSHKERGWEQFTDAVVSWLNQNSNGLV
FLLWGSYAQKKGSAIDRKRHHVLQTAHPSPLSVYRGFFGCRHFSKTNELLQKSGKKPIDWKEL
;
_entity_poly.pdbx_strand_id   A
#
# COMPACT_ATOMS: atom_id res chain seq x y z
N MET A 1 14.52 -11.92 11.45
CA MET A 1 13.64 -10.80 11.01
C MET A 1 13.04 -10.06 12.21
N GLU A 2 12.45 -8.89 11.93
CA GLU A 2 11.81 -8.05 12.95
C GLU A 2 10.32 -7.91 12.64
N PHE A 3 9.50 -7.75 13.68
CA PHE A 3 8.04 -7.63 13.50
C PHE A 3 7.63 -6.31 12.84
N PHE A 4 8.39 -5.25 13.10
CA PHE A 4 8.02 -3.88 12.73
C PHE A 4 9.32 -3.11 12.51
N GLY A 5 9.50 -2.58 11.31
CA GLY A 5 10.76 -1.93 10.91
C GLY A 5 11.12 -0.77 11.82
N GLU A 6 12.41 -0.66 12.15
CA GLU A 6 12.87 0.25 13.21
C GLU A 6 12.57 1.74 12.98
N SER A 7 12.83 2.25 11.77
CA SER A 7 12.61 3.67 11.51
C SER A 7 11.12 4.05 11.57
N TRP A 8 10.26 3.11 11.18
CA TRP A 8 8.81 3.30 11.25
C TRP A 8 8.34 3.24 12.69
N LYS A 9 8.87 2.28 13.45
CA LYS A 9 8.54 2.16 14.86
C LYS A 9 8.88 3.44 15.62
N LYS A 10 10.06 4.00 15.36
CA LYS A 10 10.50 5.21 16.04
C LYS A 10 9.46 6.33 15.93
N HIS A 11 8.82 6.44 14.76
CA HIS A 11 7.92 7.54 14.51
C HIS A 11 6.45 7.25 14.71
N LEU A 12 6.08 5.97 14.76
CA LEU A 12 4.67 5.59 14.87
C LEU A 12 4.30 5.01 16.22
N SER A 13 5.30 4.73 17.06
CA SER A 13 5.03 4.05 18.33
C SER A 13 4.20 4.88 19.30
N GLY A 14 4.08 6.19 19.06
CA GLY A 14 3.17 7.02 19.84
C GLY A 14 1.74 6.52 19.75
N GLU A 15 1.43 5.77 18.70
CA GLU A 15 0.10 5.16 18.55
C GLU A 15 -0.13 3.99 19.48
N PHE A 16 0.95 3.31 19.89
CA PHE A 16 0.83 1.95 20.43
C PHE A 16 0.15 1.88 21.79
N GLY A 17 0.28 2.93 22.59
CA GLY A 17 -0.34 2.96 23.91
C GLY A 17 -1.76 3.49 23.92
N LYS A 18 -2.25 3.97 22.76
CA LYS A 18 -3.60 4.52 22.66
C LYS A 18 -4.65 3.43 22.79
N PRO A 19 -5.80 3.73 23.44
CA PRO A 19 -6.83 2.71 23.68
C PRO A 19 -7.22 1.91 22.44
N TYR A 20 -7.40 2.58 21.30
CA TYR A 20 -7.82 1.87 20.09
C TYR A 20 -6.78 0.83 19.67
N PHE A 21 -5.50 1.11 19.91
CA PHE A 21 -4.46 0.25 19.40
C PHE A 21 -4.34 -1.01 20.24
N ILE A 22 -4.44 -0.84 21.56
CA ILE A 22 -4.45 -1.96 22.49
C ILE A 22 -5.61 -2.89 22.13
N LYS A 23 -6.77 -2.29 21.90
CA LYS A 23 -7.96 -3.03 21.53
C LYS A 23 -7.78 -3.77 20.21
N LEU A 24 -7.18 -3.11 19.24
CA LEU A 24 -6.88 -3.72 17.94
C LEU A 24 -5.97 -4.94 18.09
N MET A 25 -4.90 -4.79 18.83
CA MET A 25 -3.99 -5.92 19.07
C MET A 25 -4.72 -7.12 19.68
N GLY A 26 -5.58 -6.85 20.66
CA GLY A 26 -6.37 -7.91 21.32
C GLY A 26 -7.32 -8.58 20.35
N PHE A 27 -7.96 -7.76 19.51
CA PHE A 27 -8.89 -8.28 18.51
C PHE A 27 -8.18 -9.21 17.53
N VAL A 28 -7.05 -8.78 16.97
CA VAL A 28 -6.35 -9.60 16.01
C VAL A 28 -5.84 -10.90 16.65
N ALA A 29 -5.33 -10.80 17.87
CA ALA A 29 -4.81 -11.98 18.57
C ALA A 29 -5.91 -12.99 18.82
N GLU A 30 -7.08 -12.51 19.22
CA GLU A 30 -8.24 -13.39 19.46
C GLU A 30 -8.68 -14.04 18.15
N GLU A 31 -8.73 -13.25 17.07
CA GLU A 31 -9.08 -13.79 15.76
C GLU A 31 -8.12 -14.90 15.33
N ARG A 32 -6.83 -14.72 15.58
CA ARG A 32 -5.87 -15.75 15.18
C ARG A 32 -6.04 -17.06 15.97
N LYS A 33 -6.64 -16.99 17.15
CA LYS A 33 -6.89 -18.20 17.93
C LYS A 33 -8.03 -19.05 17.36
N HIS A 34 -8.88 -18.45 16.53
CA HIS A 34 -10.07 -19.13 16.04
C HIS A 34 -10.18 -19.22 14.53
N TYR A 35 -9.38 -18.42 13.83
CA TYR A 35 -9.42 -18.37 12.38
C TYR A 35 -8.01 -18.29 11.83
N THR A 36 -7.87 -18.61 10.55
CA THR A 36 -6.66 -18.27 9.83
C THR A 36 -6.82 -16.82 9.39
N VAL A 37 -5.83 -16.02 9.76
CA VAL A 37 -5.83 -14.60 9.49
C VAL A 37 -4.63 -14.30 8.61
N TYR A 38 -4.87 -13.51 7.56
CA TYR A 38 -3.84 -13.11 6.62
C TYR A 38 -3.56 -11.61 6.73
N PRO A 39 -2.30 -11.20 6.50
CA PRO A 39 -1.11 -12.04 6.34
C PRO A 39 -0.75 -12.65 7.70
N PRO A 40 0.19 -13.62 7.71
CA PRO A 40 0.69 -14.13 8.99
C PRO A 40 1.39 -13.02 9.77
N PRO A 41 1.61 -13.21 11.09
CA PRO A 41 2.12 -12.11 11.90
C PRO A 41 3.39 -11.47 11.36
N HIS A 42 4.35 -12.26 10.90
CA HIS A 42 5.62 -11.74 10.41
C HIS A 42 5.51 -10.89 9.14
N GLN A 43 4.33 -10.85 8.54
CA GLN A 43 4.12 -10.10 7.31
C GLN A 43 3.09 -8.98 7.42
N VAL A 44 2.50 -8.79 8.59
CA VAL A 44 1.50 -7.72 8.74
C VAL A 44 2.13 -6.35 8.43
N PHE A 45 3.41 -6.20 8.80
CA PHE A 45 4.11 -4.93 8.67
C PHE A 45 5.22 -4.94 7.61
N THR A 46 5.07 -5.75 6.58
CA THR A 46 6.11 -5.81 5.54
C THR A 46 6.40 -4.43 4.95
N TRP A 47 5.36 -3.59 4.87
CA TRP A 47 5.47 -2.23 4.35
C TRP A 47 6.40 -1.33 5.17
N THR A 48 6.81 -1.78 6.37
CA THR A 48 7.78 -1.06 7.19
C THR A 48 9.21 -1.61 7.04
N GLN A 49 9.36 -2.69 6.28
CA GLN A 49 10.63 -3.44 6.26
C GLN A 49 11.49 -3.18 5.05
N MET A 50 10.93 -2.52 4.05
CA MET A 50 11.53 -2.48 2.71
C MET A 50 12.38 -1.24 2.44
N CYS A 51 12.10 -0.16 3.17
CA CYS A 51 12.86 1.06 3.08
C CYS A 51 12.65 1.84 4.37
N ASP A 52 13.59 2.74 4.66
CA ASP A 52 13.47 3.65 5.78
C ASP A 52 12.29 4.58 5.54
N ILE A 53 11.58 4.93 6.61
CA ILE A 53 10.45 5.84 6.49
C ILE A 53 10.84 7.19 5.85
N LYS A 54 12.09 7.61 6.07
CA LYS A 54 12.60 8.86 5.50
C LYS A 54 12.74 8.81 3.99
N ASP A 55 12.76 7.61 3.43
CA ASP A 55 13.05 7.41 2.01
C ASP A 55 11.82 7.13 1.16
N VAL A 56 10.64 7.23 1.75
CA VAL A 56 9.39 7.08 1.01
C VAL A 56 9.31 8.19 -0.03
N LYS A 57 8.94 7.81 -1.26
CA LYS A 57 8.77 8.76 -2.37
C LYS A 57 7.34 8.79 -2.90
N VAL A 58 6.68 7.64 -2.90
CA VAL A 58 5.37 7.46 -3.53
C VAL A 58 4.53 6.65 -2.56
N VAL A 59 3.24 6.96 -2.45
CA VAL A 59 2.36 6.25 -1.55
C VAL A 59 1.15 5.77 -2.34
N ILE A 60 0.93 4.46 -2.35
CA ILE A 60 -0.26 3.88 -2.95
C ILE A 60 -1.13 3.31 -1.85
N LEU A 61 -2.33 3.86 -1.71
CA LEU A 61 -3.22 3.46 -0.62
C LEU A 61 -4.19 2.40 -1.08
N GLY A 62 -4.24 1.31 -0.34
CA GLY A 62 -5.21 0.25 -0.56
C GLY A 62 -6.22 0.15 0.57
N GLN A 63 -7.03 -0.88 0.49
CA GLN A 63 -8.13 -1.09 1.42
C GLN A 63 -7.88 -2.34 2.28
N ASP A 64 -8.26 -3.50 1.74
CA ASP A 64 -8.24 -4.78 2.45
C ASP A 64 -7.10 -5.66 1.87
N PRO A 65 -6.43 -6.47 2.70
CA PRO A 65 -5.46 -7.42 2.13
C PRO A 65 -6.17 -8.50 1.33
N TYR A 66 -5.45 -9.13 0.40
CA TYR A 66 -6.00 -10.33 -0.25
C TYR A 66 -6.37 -11.36 0.81
N HIS A 67 -7.47 -12.07 0.58
CA HIS A 67 -7.99 -13.01 1.56
C HIS A 67 -7.84 -14.48 1.16
N GLY A 68 -7.17 -14.75 0.06
CA GLY A 68 -6.91 -16.14 -0.37
C GLY A 68 -5.59 -16.67 0.15
N PRO A 69 -5.46 -18.00 0.26
CA PRO A 69 -4.21 -18.57 0.74
C PRO A 69 -2.98 -18.08 -0.04
N ASN A 70 -1.92 -17.75 0.69
CA ASN A 70 -0.61 -17.43 0.11
C ASN A 70 -0.52 -16.09 -0.59
N GLN A 71 -1.60 -15.30 -0.57
CA GLN A 71 -1.63 -14.06 -1.34
C GLN A 71 -1.08 -12.86 -0.59
N ALA A 72 -1.78 -12.42 0.46
CA ALA A 72 -1.36 -11.21 1.19
C ALA A 72 -0.02 -11.43 1.87
N HIS A 73 0.87 -10.45 1.74
CA HIS A 73 2.13 -10.50 2.47
C HIS A 73 2.56 -9.14 2.99
N GLY A 74 1.60 -8.23 3.16
CA GLY A 74 1.85 -6.96 3.84
C GLY A 74 2.16 -5.77 2.94
N LEU A 75 2.06 -5.96 1.63
CA LEU A 75 2.19 -4.88 0.65
C LEU A 75 0.93 -4.87 -0.19
N CYS A 76 0.26 -3.72 -0.32
CA CYS A 76 -0.97 -3.70 -1.08
C CYS A 76 -0.77 -4.14 -2.53
N PHE A 77 -1.69 -4.98 -3.00
CA PHE A 77 -1.77 -5.51 -4.38
C PHE A 77 -0.75 -6.58 -4.73
N SER A 78 0.28 -6.75 -3.90
CA SER A 78 1.40 -7.66 -4.18
C SER A 78 1.10 -9.10 -3.75
N VAL A 79 1.67 -10.05 -4.50
CA VAL A 79 1.64 -11.47 -4.12
C VAL A 79 3.05 -12.05 -4.27
N GLN A 80 3.52 -12.80 -3.28
CA GLN A 80 4.86 -13.36 -3.39
C GLN A 80 4.93 -14.50 -4.38
N ARG A 81 6.13 -14.78 -4.89
CA ARG A 81 6.36 -15.92 -5.76
C ARG A 81 5.96 -17.19 -5.02
N PRO A 82 5.38 -18.17 -5.72
CA PRO A 82 5.05 -18.25 -7.12
C PRO A 82 3.59 -17.87 -7.46
N VAL A 83 2.93 -17.16 -6.55
CA VAL A 83 1.50 -16.87 -6.68
C VAL A 83 1.21 -16.03 -7.94
N PRO A 84 0.20 -16.45 -8.74
CA PRO A 84 -0.15 -15.67 -9.91
C PRO A 84 -0.71 -14.30 -9.52
N PRO A 85 -0.31 -13.24 -10.24
CA PRO A 85 -0.94 -11.93 -10.02
C PRO A 85 -2.46 -12.02 -10.11
N PRO A 86 -3.19 -11.58 -9.07
CA PRO A 86 -4.65 -11.50 -9.15
C PRO A 86 -5.10 -10.48 -10.22
N PRO A 87 -6.37 -10.51 -10.62
CA PRO A 87 -6.81 -9.62 -11.69
C PRO A 87 -6.49 -8.13 -11.50
N SER A 88 -6.62 -7.61 -10.28
CA SER A 88 -6.29 -6.21 -10.05
C SER A 88 -4.83 -5.91 -10.37
N LEU A 89 -3.95 -6.81 -9.97
CA LEU A 89 -2.53 -6.65 -10.26
C LEU A 89 -2.23 -6.82 -11.76
N GLU A 90 -2.87 -7.78 -12.40
CA GLU A 90 -2.73 -7.88 -13.86
C GLU A 90 -3.13 -6.56 -14.52
N ASN A 91 -4.16 -5.91 -14.01
CA ASN A 91 -4.59 -4.62 -14.57
C ASN A 91 -3.57 -3.52 -14.32
N ILE A 92 -2.99 -3.50 -13.14
CA ILE A 92 -1.89 -2.57 -12.84
C ILE A 92 -0.74 -2.77 -13.86
N TYR A 93 -0.36 -4.03 -14.08
CA TYR A 93 0.70 -4.33 -15.03
C TYR A 93 0.31 -3.96 -16.47
N LYS A 94 -0.95 -4.14 -16.83
CA LYS A 94 -1.44 -3.77 -18.16
C LYS A 94 -1.33 -2.26 -18.39
N GLU A 95 -1.74 -1.47 -17.41
CA GLU A 95 -1.60 -0.02 -17.50
C GLU A 95 -0.13 0.38 -17.61
N LEU A 96 0.73 -0.24 -16.80
CA LEU A 96 2.17 0.03 -16.90
C LEU A 96 2.70 -0.19 -18.30
N SER A 97 2.27 -1.28 -18.93
CA SER A 97 2.73 -1.63 -20.28
C SER A 97 2.30 -0.59 -21.33
N THR A 98 1.10 -0.05 -21.20
CA THR A 98 0.65 0.97 -22.15
C THR A 98 1.21 2.35 -21.81
N ASP A 99 1.45 2.60 -20.52
CA ASP A 99 1.90 3.90 -20.06
C ASP A 99 3.38 4.11 -20.35
N ILE A 100 4.18 3.09 -20.04
CA ILE A 100 5.63 3.18 -20.22
C ILE A 100 6.05 2.05 -21.17
N GLU A 101 6.40 2.43 -22.39
CA GLU A 101 6.76 1.47 -23.43
C GLU A 101 7.84 0.50 -22.98
N ASP A 102 8.81 1.00 -22.22
CA ASP A 102 9.94 0.20 -21.80
C ASP A 102 9.71 -0.64 -20.53
N PHE A 103 8.51 -0.58 -19.95
CA PHE A 103 8.19 -1.47 -18.83
C PHE A 103 8.33 -2.92 -19.26
N VAL A 104 8.85 -3.73 -18.36
CA VAL A 104 9.00 -5.15 -18.59
C VAL A 104 8.25 -5.89 -17.47
N HIS A 105 7.30 -6.73 -17.85
CA HIS A 105 6.56 -7.54 -16.88
C HIS A 105 7.53 -8.52 -16.22
N PRO A 106 7.57 -8.56 -14.88
CA PRO A 106 8.57 -9.39 -14.22
C PRO A 106 8.26 -10.90 -14.22
N GLY A 107 7.05 -11.27 -14.63
CA GLY A 107 6.61 -12.68 -14.62
C GLY A 107 6.20 -13.20 -13.25
N HIS A 108 5.95 -12.28 -12.32
CA HIS A 108 5.47 -12.62 -10.98
C HIS A 108 4.75 -11.39 -10.44
N GLY A 109 4.16 -11.52 -9.27
CA GLY A 109 3.37 -10.46 -8.66
C GLY A 109 3.97 -9.80 -7.43
N ASP A 110 5.25 -10.03 -7.15
CA ASP A 110 5.87 -9.49 -5.94
C ASP A 110 6.35 -8.06 -6.18
N LEU A 111 5.73 -7.12 -5.46
CA LEU A 111 6.02 -5.70 -5.63
C LEU A 111 7.10 -5.19 -4.68
N SER A 112 7.82 -6.09 -4.04
CA SER A 112 8.89 -5.72 -3.13
C SER A 112 9.89 -4.76 -3.79
N GLY A 113 10.17 -4.95 -5.07
CA GLY A 113 11.13 -4.10 -5.77
C GLY A 113 10.70 -2.64 -5.80
N TRP A 114 9.39 -2.40 -5.84
CA TRP A 114 8.86 -1.02 -5.71
C TRP A 114 9.00 -0.52 -4.28
N ALA A 115 8.67 -1.36 -3.31
CA ALA A 115 8.77 -0.96 -1.91
C ALA A 115 10.19 -0.55 -1.55
N LYS A 116 11.18 -1.28 -2.06
CA LYS A 116 12.58 -0.98 -1.79
C LYS A 116 13.01 0.37 -2.36
N GLN A 117 12.33 0.80 -3.41
CA GLN A 117 12.58 2.10 -4.03
C GLN A 117 11.81 3.24 -3.38
N GLY A 118 11.07 2.94 -2.32
CA GLY A 118 10.34 3.99 -1.61
C GLY A 118 8.90 4.15 -2.05
N VAL A 119 8.35 3.13 -2.70
CA VAL A 119 6.92 3.13 -2.98
C VAL A 119 6.23 2.43 -1.82
N LEU A 120 5.54 3.20 -0.98
CA LEU A 120 4.81 2.65 0.15
C LEU A 120 3.50 2.06 -0.34
N LEU A 121 3.34 0.77 -0.08
CA LEU A 121 2.18 0.01 -0.56
C LEU A 121 1.32 -0.31 0.65
N LEU A 122 0.53 0.67 1.07
CA LEU A 122 -0.13 0.62 2.37
C LEU A 122 -1.62 0.33 2.27
N ASN A 123 -2.04 -0.82 2.75
CA ASN A 123 -3.47 -1.07 2.95
C ASN A 123 -3.99 -0.35 4.19
N ALA A 124 -5.26 0.05 4.15
CA ALA A 124 -5.87 0.73 5.29
C ALA A 124 -6.16 -0.23 6.43
N VAL A 125 -6.52 -1.45 6.06
CA VAL A 125 -6.83 -2.54 6.99
C VAL A 125 -5.75 -3.59 6.75
N LEU A 126 -5.08 -4.02 7.83
CA LEU A 126 -3.83 -4.78 7.64
C LEU A 126 -3.95 -6.26 7.90
N THR A 127 -5.11 -6.72 8.33
CA THR A 127 -5.39 -8.14 8.47
C THR A 127 -6.79 -8.46 7.96
N VAL A 128 -7.02 -9.72 7.64
CA VAL A 128 -8.31 -10.20 7.15
C VAL A 128 -8.42 -11.67 7.49
N ARG A 129 -9.62 -12.10 7.85
CA ARG A 129 -9.88 -13.52 8.04
C ARG A 129 -9.86 -14.21 6.67
N ALA A 130 -9.24 -15.38 6.61
CA ALA A 130 -9.17 -16.17 5.38
C ALA A 130 -10.55 -16.29 4.74
N HIS A 131 -10.60 -16.01 3.43
CA HIS A 131 -11.82 -16.17 2.60
C HIS A 131 -12.96 -15.22 2.94
N GLN A 132 -12.71 -14.22 3.79
CA GLN A 132 -13.79 -13.32 4.19
C GLN A 132 -13.39 -11.86 4.06
N ALA A 133 -13.64 -11.30 2.88
CA ALA A 133 -13.26 -9.92 2.59
C ALA A 133 -13.86 -8.99 3.62
N ASN A 134 -13.05 -8.03 4.06
CA ASN A 134 -13.50 -6.96 4.96
C ASN A 134 -13.89 -7.43 6.36
N SER A 135 -13.49 -8.65 6.72
CA SER A 135 -13.86 -9.21 8.02
C SER A 135 -13.21 -8.46 9.19
N HIS A 136 -12.11 -7.77 8.94
CA HIS A 136 -11.49 -6.96 10.01
C HIS A 136 -11.65 -5.46 9.81
N LYS A 137 -12.65 -5.08 9.01
CA LYS A 137 -12.96 -3.67 8.80
C LYS A 137 -13.44 -2.99 10.08
N GLU A 138 -12.96 -1.78 10.30
CA GLU A 138 -13.39 -0.94 11.43
C GLU A 138 -13.22 -1.62 12.79
N ARG A 139 -12.04 -2.19 12.98
CA ARG A 139 -11.63 -2.79 14.25
C ARG A 139 -10.45 -2.05 14.89
N GLY A 140 -10.04 -0.95 14.23
CA GLY A 140 -8.91 -0.15 14.69
C GLY A 140 -7.80 0.09 13.68
N TRP A 141 -7.69 -0.73 12.64
CA TRP A 141 -6.60 -0.54 11.67
C TRP A 141 -6.67 0.82 10.98
N GLU A 142 -7.88 1.27 10.67
CA GLU A 142 -8.07 2.52 9.94
C GLU A 142 -7.48 3.69 10.69
N GLN A 143 -7.67 3.74 11.99
CA GLN A 143 -7.08 4.82 12.77
C GLN A 143 -5.55 4.76 12.73
N PHE A 144 -5.00 3.54 12.80
CA PHE A 144 -3.56 3.40 12.74
C PHE A 144 -2.99 3.82 11.39
N THR A 145 -3.60 3.32 10.32
CA THR A 145 -3.09 3.68 9.00
C THR A 145 -3.37 5.14 8.64
N ASP A 146 -4.42 5.72 9.22
CA ASP A 146 -4.63 7.18 9.13
C ASP A 146 -3.47 7.92 9.79
N ALA A 147 -2.97 7.38 10.90
CA ALA A 147 -1.83 7.99 11.60
C ALA A 147 -0.58 7.92 10.74
N VAL A 148 -0.44 6.83 9.99
CA VAL A 148 0.70 6.70 9.08
C VAL A 148 0.62 7.75 7.97
N VAL A 149 -0.55 7.87 7.36
CA VAL A 149 -0.74 8.85 6.30
C VAL A 149 -0.53 10.27 6.83
N SER A 150 -1.04 10.54 8.02
CA SER A 150 -0.86 11.85 8.64
C SER A 150 0.60 12.15 8.91
N TRP A 151 1.34 11.16 9.38
CA TRP A 151 2.75 11.36 9.66
C TRP A 151 3.49 11.76 8.38
N LEU A 152 3.24 11.02 7.31
CA LEU A 152 3.89 11.30 6.04
C LEU A 152 3.46 12.66 5.50
N ASN A 153 2.19 12.98 5.62
CA ASN A 153 1.72 14.27 5.15
C ASN A 153 2.49 15.40 5.85
N GLN A 154 2.69 15.27 7.16
CA GLN A 154 3.30 16.33 7.95
C GLN A 154 4.83 16.36 7.90
N ASN A 155 5.46 15.21 7.82
CA ASN A 155 6.90 15.09 8.04
C ASN A 155 7.74 14.77 6.82
N SER A 156 7.07 14.51 5.70
CA SER A 156 7.77 14.38 4.44
C SER A 156 7.32 15.48 3.51
N ASN A 157 7.95 15.56 2.35
CA ASN A 157 7.67 16.63 1.42
C ASN A 157 7.81 16.19 -0.02
N GLY A 158 6.88 16.63 -0.86
CA GLY A 158 6.91 16.28 -2.27
C GLY A 158 6.67 14.82 -2.58
N LEU A 159 5.94 14.11 -1.70
CA LEU A 159 5.52 12.74 -2.02
C LEU A 159 4.53 12.75 -3.18
N VAL A 160 4.46 11.63 -3.90
CA VAL A 160 3.39 11.42 -4.84
C VAL A 160 2.43 10.40 -4.24
N PHE A 161 1.20 10.82 -3.99
CA PHE A 161 0.14 9.92 -3.53
C PHE A 161 -0.70 9.49 -4.72
N LEU A 162 -0.85 8.18 -4.88
CA LEU A 162 -1.68 7.60 -5.94
C LEU A 162 -2.92 7.06 -5.27
N LEU A 163 -4.06 7.66 -5.58
CA LEU A 163 -5.32 7.34 -4.90
C LEU A 163 -6.28 6.73 -5.89
N TRP A 164 -6.39 5.41 -5.85
CA TRP A 164 -7.12 4.64 -6.84
C TRP A 164 -8.42 4.17 -6.23
N GLY A 165 -9.52 4.75 -6.71
CA GLY A 165 -10.85 4.46 -6.19
C GLY A 165 -11.31 5.42 -5.11
N SER A 166 -12.61 5.39 -4.83
CA SER A 166 -13.23 6.33 -3.90
C SER A 166 -12.74 6.15 -2.45
N TYR A 167 -12.49 4.90 -2.06
CA TYR A 167 -12.05 4.63 -0.70
C TYR A 167 -10.66 5.26 -0.44
N ALA A 168 -9.75 5.04 -1.38
CA ALA A 168 -8.41 5.61 -1.28
C ALA A 168 -8.44 7.12 -1.35
N GLN A 169 -9.32 7.64 -2.20
CA GLN A 169 -9.47 9.09 -2.31
C GLN A 169 -9.96 9.69 -1.00
N LYS A 170 -10.89 9.02 -0.32
CA LYS A 170 -11.31 9.47 0.99
C LYS A 170 -10.15 9.41 1.99
N LYS A 171 -9.38 8.33 1.98
CA LYS A 171 -8.31 8.18 2.96
C LYS A 171 -7.23 9.24 2.74
N GLY A 172 -7.04 9.66 1.49
CA GLY A 172 -6.07 10.69 1.15
C GLY A 172 -6.64 12.09 1.07
N SER A 173 -7.87 12.28 1.55
CA SER A 173 -8.60 13.54 1.31
C SER A 173 -7.96 14.75 1.97
N ALA A 174 -7.22 14.54 3.05
CA ALA A 174 -6.61 15.62 3.83
C ALA A 174 -5.13 15.87 3.49
N ILE A 175 -4.59 15.15 2.52
CA ILE A 175 -3.21 15.41 2.10
C ILE A 175 -3.10 16.84 1.64
N ASP A 176 -2.05 17.52 2.08
CA ASP A 176 -1.86 18.90 1.70
C ASP A 176 -1.38 19.00 0.25
N ARG A 177 -2.26 19.43 -0.64
CA ARG A 177 -1.96 19.55 -2.08
C ARG A 177 -0.92 20.63 -2.43
N LYS A 178 -0.60 21.50 -1.47
CA LYS A 178 0.47 22.47 -1.70
C LYS A 178 1.83 21.88 -1.37
N ARG A 179 1.84 20.79 -0.61
CA ARG A 179 3.09 20.21 -0.13
C ARG A 179 3.40 18.83 -0.72
N HIS A 180 2.37 18.16 -1.27
CA HIS A 180 2.54 16.85 -1.90
C HIS A 180 1.78 16.81 -3.20
N HIS A 181 2.19 15.89 -4.07
CA HIS A 181 1.47 15.69 -5.33
C HIS A 181 0.44 14.60 -5.13
N VAL A 182 -0.75 14.79 -5.66
CA VAL A 182 -1.81 13.79 -5.59
C VAL A 182 -2.32 13.49 -6.98
N LEU A 183 -2.36 12.20 -7.33
CA LEU A 183 -2.99 11.72 -8.56
C LEU A 183 -4.12 10.80 -8.17
N GLN A 184 -5.25 10.92 -8.88
CA GLN A 184 -6.44 10.14 -8.57
C GLN A 184 -6.99 9.51 -9.82
N THR A 185 -7.54 8.31 -9.66
CA THR A 185 -8.28 7.65 -10.73
C THR A 185 -9.15 6.55 -10.12
N ALA A 186 -9.82 5.79 -10.98
CA ALA A 186 -10.63 4.67 -10.53
C ALA A 186 -9.76 3.53 -10.03
N HIS A 187 -10.39 2.61 -9.31
CA HIS A 187 -9.73 1.43 -8.79
C HIS A 187 -9.40 0.43 -9.90
N PRO A 188 -8.24 -0.26 -9.82
CA PRO A 188 -7.85 -1.21 -10.86
C PRO A 188 -8.59 -2.56 -10.88
N SER A 189 -9.55 -2.78 -9.98
CA SER A 189 -10.33 -4.04 -9.98
C SER A 189 -11.05 -4.21 -11.32
N PRO A 190 -11.29 -5.47 -11.73
CA PRO A 190 -11.99 -5.67 -13.02
C PRO A 190 -13.31 -4.92 -13.17
N LEU A 191 -14.05 -4.75 -12.08
CA LEU A 191 -15.36 -4.10 -12.17
C LEU A 191 -15.28 -2.59 -12.35
N SER A 192 -14.12 -2.00 -12.08
CA SER A 192 -13.95 -0.54 -12.07
C SER A 192 -12.85 -0.04 -13.00
N VAL A 193 -11.99 -0.93 -13.48
CA VAL A 193 -10.77 -0.51 -14.18
C VAL A 193 -11.02 0.35 -15.42
N TYR A 194 -12.09 0.07 -16.17
CA TYR A 194 -12.42 0.83 -17.36
C TYR A 194 -13.20 2.11 -17.07
N ARG A 195 -13.36 2.42 -15.79
CA ARG A 195 -13.97 3.67 -15.39
C ARG A 195 -12.91 4.71 -14.99
N GLY A 196 -11.70 4.53 -15.52
CA GLY A 196 -10.67 5.57 -15.48
C GLY A 196 -9.25 5.06 -15.28
N PHE A 197 -9.10 3.90 -14.64
CA PHE A 197 -7.75 3.41 -14.35
C PHE A 197 -6.96 3.15 -15.64
N PHE A 198 -7.54 2.43 -16.59
CA PHE A 198 -6.88 2.27 -17.87
C PHE A 198 -6.84 3.62 -18.56
N GLY A 199 -5.63 4.05 -18.91
CA GLY A 199 -5.41 5.39 -19.45
C GLY A 199 -5.02 6.44 -18.42
N CYS A 200 -4.95 6.08 -17.15
CA CYS A 200 -4.61 7.08 -16.12
C CYS A 200 -3.16 7.55 -16.21
N ARG A 201 -2.29 6.68 -16.74
CA ARG A 201 -0.86 6.99 -16.92
C ARG A 201 -0.18 7.51 -15.63
N HIS A 202 -0.58 6.95 -14.50
CA HIS A 202 -0.06 7.43 -13.23
C HIS A 202 1.43 7.16 -13.08
N PHE A 203 1.94 6.12 -13.74
CA PHE A 203 3.33 5.71 -13.50
C PHE A 203 4.33 6.66 -14.14
N SER A 204 4.07 7.04 -15.40
CA SER A 204 4.86 8.07 -16.05
C SER A 204 4.67 9.42 -15.38
N LYS A 205 3.42 9.76 -15.05
CA LYS A 205 3.14 11.03 -14.37
C LYS A 205 3.90 11.13 -13.05
N THR A 206 3.92 10.03 -12.28
CA THR A 206 4.62 10.00 -11.01
C THR A 206 6.09 10.42 -11.18
N ASN A 207 6.76 9.86 -12.18
CA ASN A 207 8.18 10.14 -12.37
C ASN A 207 8.46 11.58 -12.75
N GLU A 208 7.56 12.18 -13.54
CA GLU A 208 7.65 13.59 -13.84
C GLU A 208 7.48 14.43 -12.58
N LEU A 209 6.51 14.06 -11.74
CA LEU A 209 6.30 14.77 -10.48
C LEU A 209 7.49 14.64 -9.53
N LEU A 210 8.11 13.46 -9.51
CA LEU A 210 9.28 13.25 -8.67
C LEU A 210 10.43 14.18 -9.05
N GLN A 211 10.56 14.48 -10.34
CA GLN A 211 11.54 15.49 -10.77
C GLN A 211 11.31 16.85 -10.08
N LYS A 212 10.04 17.27 -10.00
CA LYS A 212 9.69 18.54 -9.34
C LYS A 212 10.02 18.52 -7.86
N SER A 213 9.95 17.33 -7.26
CA SER A 213 10.32 17.13 -5.87
C SER A 213 11.83 17.04 -5.68
N GLY A 214 12.59 17.06 -6.77
CA GLY A 214 14.05 16.94 -6.72
C GLY A 214 14.53 15.52 -6.49
N LYS A 215 13.71 14.54 -6.86
CA LYS A 215 13.98 13.14 -6.54
C LYS A 215 14.17 12.29 -7.78
N LYS A 216 14.98 11.25 -7.65
CA LYS A 216 15.19 10.30 -8.72
C LYS A 216 13.93 9.47 -8.95
N PRO A 217 13.67 9.09 -10.21
CA PRO A 217 12.42 8.39 -10.54
C PRO A 217 12.38 6.94 -10.05
N ILE A 218 11.16 6.42 -9.95
CA ILE A 218 10.97 5.00 -9.72
C ILE A 218 11.24 4.26 -11.03
N ASP A 219 12.02 3.19 -10.95
CA ASP A 219 12.14 2.29 -12.07
C ASP A 219 11.05 1.24 -11.87
N TRP A 220 9.94 1.40 -12.57
CA TRP A 220 8.78 0.55 -12.35
C TRP A 220 9.06 -0.89 -12.77
N LYS A 221 10.05 -1.11 -13.64
CA LYS A 221 10.39 -2.48 -14.05
C LYS A 221 11.36 -3.18 -13.09
N GLU A 222 11.87 -2.44 -12.11
CA GLU A 222 12.78 -3.03 -11.13
C GLU A 222 11.96 -3.81 -10.09
N LEU A 223 11.62 -5.04 -10.48
CA LEU A 223 10.80 -5.96 -9.71
C LEU A 223 11.45 -7.31 -9.67
#